data_9N1S
#
_entry.id   9N1S
#
_cell.length_a   49.895
_cell.length_b   49.895
_cell.length_c   241.716
_cell.angle_alpha   90.00
_cell.angle_beta   90.00
_cell.angle_gamma   90.00
#
_symmetry.space_group_name_H-M   'P 41 21 2'
#
loop_
_entity.id
_entity.type
_entity.pdbx_description
1 polymer 'Transport and Golgi organization protein 2 homolog'
2 non-polymer 'PHOSPHATE ION'
3 non-polymer 'CHLORIDE ION'
4 water water
#
_entity_poly.entity_id   1
_entity_poly.type   'polypeptide(L)'
_entity_poly.pdbx_seq_one_letter_code
;M(OCS)IIFFKFDPRPVSKNAYRLILAANRDEFYSRPSKLADFWGNNNEILSGLDMEEGKEGGTWLGISTRGKLAALTNY
LQPQLDWQARGRGELVTHFLTTDVDSLSYLKKVSMEGHLYNGFNLIAADLSTAKGDVICYYGNRGEPDPIVLTPGTYGLS
NALLETPWRKLCFGKQLFLEAVERSQALPKDVLIASLLDVLNNEEAQLPDPAIEDQGGEYVQPMLSKYAAVCVRCPGYGT
RTNTIILVDADGHVTFTERSMMDKDLSHWETRTYEFTLQSHHHHHH
;
_entity_poly.pdbx_strand_id   A
#
loop_
_chem_comp.id
_chem_comp.type
_chem_comp.name
_chem_comp.formula
CL non-polymer 'CHLORIDE ION' 'Cl -1'
PO4 non-polymer 'PHOSPHATE ION' 'O4 P -3'
#
# COMPACT_ATOMS: atom_id res chain seq x y z
N OCS A 2 7.95 2.89 2.45
CA OCS A 2 6.86 1.97 2.09
CB OCS A 2 5.47 2.62 2.16
SG OCS A 2 5.09 3.42 3.70
C OCS A 2 7.09 1.43 0.67
O OCS A 2 8.02 1.93 0.00
OD1 OCS A 2 6.01 2.92 4.68
OD2 OCS A 2 5.42 4.94 3.44
OD3 OCS A 2 3.70 3.24 3.93
N ILE A 3 6.32 0.44 0.23
CA ILE A 3 6.37 0.01 -1.16
C ILE A 3 5.19 -0.92 -1.47
N ILE A 4 4.54 -0.67 -2.61
CA ILE A 4 3.32 -1.36 -2.98
C ILE A 4 3.44 -1.83 -4.43
N PHE A 5 3.01 -3.06 -4.68
CA PHE A 5 2.89 -3.60 -6.03
C PHE A 5 1.44 -4.07 -6.21
N PHE A 6 0.86 -3.83 -7.38
CA PHE A 6 -0.49 -4.29 -7.61
C PHE A 6 -0.78 -4.42 -9.09
N LYS A 7 -1.33 -5.58 -9.47
CA LYS A 7 -1.84 -5.83 -10.81
C LYS A 7 -3.35 -5.63 -10.79
N PHE A 8 -3.88 -5.03 -11.85
CA PHE A 8 -5.24 -4.51 -11.87
C PHE A 8 -5.84 -4.82 -13.23
N ASP A 9 -6.88 -5.65 -13.23
CA ASP A 9 -7.51 -6.16 -14.45
C ASP A 9 -9.02 -6.10 -14.27
N PRO A 10 -9.66 -5.01 -14.71
CA PRO A 10 -11.11 -4.86 -14.43
C PRO A 10 -11.98 -5.78 -15.26
N ARG A 11 -11.52 -6.21 -16.44
CA ARG A 11 -12.29 -7.10 -17.29
C ARG A 11 -11.56 -8.45 -17.38
N PRO A 12 -11.55 -9.23 -16.30
CA PRO A 12 -10.82 -10.51 -16.34
C PRO A 12 -11.37 -11.43 -17.43
N VAL A 13 -10.44 -12.08 -18.14
CA VAL A 13 -10.82 -12.91 -19.28
C VAL A 13 -11.42 -14.24 -18.85
N SER A 14 -11.12 -14.71 -17.65
CA SER A 14 -11.58 -16.01 -17.19
C SER A 14 -12.31 -15.91 -15.86
N LYS A 15 -12.67 -17.07 -15.29
CA LYS A 15 -13.50 -17.10 -14.09
C LYS A 15 -12.66 -16.97 -12.83
N ASN A 16 -11.49 -17.59 -12.77
CA ASN A 16 -10.67 -17.57 -11.58
C ASN A 16 -9.49 -16.61 -11.68
N ALA A 17 -9.49 -15.73 -12.68
CA ALA A 17 -8.51 -14.67 -12.74
C ALA A 17 -8.76 -13.65 -11.62
N TYR A 18 -7.78 -12.81 -11.37
CA TYR A 18 -7.85 -11.82 -10.30
C TYR A 18 -8.07 -10.43 -10.90
N ARG A 19 -9.07 -9.72 -10.37
CA ARG A 19 -9.20 -8.30 -10.68
C ARG A 19 -8.13 -7.47 -9.97
N LEU A 20 -7.60 -7.97 -8.84
CA LEU A 20 -6.59 -7.25 -8.09
C LEU A 20 -5.68 -8.23 -7.36
N ILE A 21 -4.37 -8.03 -7.52
CA ILE A 21 -3.36 -8.69 -6.71
C ILE A 21 -2.47 -7.59 -6.15
N LEU A 22 -2.46 -7.45 -4.82
CA LEU A 22 -1.76 -6.35 -4.18
C LEU A 22 -0.84 -6.89 -3.09
N ALA A 23 0.35 -6.29 -2.99
CA ALA A 23 1.36 -6.67 -2.02
C ALA A 23 2.05 -5.40 -1.54
N ALA A 24 1.95 -5.11 -0.26
CA ALA A 24 2.40 -3.84 0.27
C ALA A 24 3.19 -4.03 1.55
N ASN A 25 4.25 -3.24 1.71
CA ASN A 25 5.01 -3.16 2.94
C ASN A 25 4.78 -1.79 3.56
N ARG A 26 4.58 -1.76 4.86
CA ARG A 26 4.48 -0.50 5.62
C ARG A 26 5.77 -0.37 6.42
N ASP A 27 6.60 0.60 6.04
CA ASP A 27 7.82 0.92 6.76
C ASP A 27 7.54 2.07 7.71
N GLU A 28 7.92 1.90 8.97
CA GLU A 28 7.65 2.90 9.99
C GLU A 28 8.61 2.68 11.15
N PHE A 29 8.77 3.69 11.98
CA PHE A 29 9.52 3.53 13.21
C PHE A 29 8.81 2.51 14.10
N TYR A 30 9.60 1.58 14.67
CA TYR A 30 9.03 0.52 15.48
C TYR A 30 8.36 1.05 16.76
N SER A 31 8.66 2.28 17.15
CA SER A 31 8.06 2.84 18.36
C SER A 31 6.60 3.22 18.19
N ARG A 32 6.13 3.44 16.97
CA ARG A 32 4.80 3.99 16.75
C ARG A 32 3.74 2.93 17.04
N PRO A 33 2.83 3.16 17.99
CA PRO A 33 1.81 2.14 18.27
C PRO A 33 0.87 1.94 17.10
N SER A 34 0.44 0.69 16.93
CA SER A 34 -0.48 0.33 15.85
C SER A 34 -1.37 -0.80 16.31
N LYS A 35 -2.49 -0.97 15.61
CA LYS A 35 -3.41 -2.07 15.84
C LYS A 35 -3.47 -2.95 14.60
N LEU A 36 -3.50 -4.27 14.82
CA LEU A 36 -3.53 -5.21 13.73
C LEU A 36 -4.87 -5.15 13.00
N ALA A 37 -4.84 -5.59 11.74
CA ALA A 37 -6.02 -5.47 10.89
C ALA A 37 -7.21 -6.18 11.51
N ASP A 38 -8.38 -5.55 11.41
CA ASP A 38 -9.64 -6.14 11.86
C ASP A 38 -10.75 -5.24 11.34
N PHE A 39 -11.96 -5.74 11.42
CA PHE A 39 -13.11 -5.00 10.91
C PHE A 39 -13.53 -3.92 11.88
N TRP A 40 -13.86 -2.75 11.35
CA TRP A 40 -14.33 -1.62 12.12
C TRP A 40 -15.29 -0.82 11.26
N GLY A 41 -15.69 0.35 11.73
CA GLY A 41 -16.65 1.16 11.02
C GLY A 41 -18.07 0.94 11.54
N ASN A 42 -18.99 1.64 10.91
CA ASN A 42 -20.37 1.61 11.37
C ASN A 42 -20.94 0.20 11.31
N ASN A 43 -20.74 -0.50 10.19
CA ASN A 43 -21.32 -1.81 9.97
C ASN A 43 -20.25 -2.91 9.92
N ASN A 44 -19.15 -2.70 10.63
CA ASN A 44 -17.98 -3.59 10.54
C ASN A 44 -17.55 -3.76 9.09
N GLU A 45 -17.84 -2.77 8.25
CA GLU A 45 -17.68 -2.89 6.81
C GLU A 45 -16.30 -2.48 6.31
N ILE A 46 -15.40 -2.01 7.17
CA ILE A 46 -14.07 -1.58 6.77
C ILE A 46 -13.04 -2.49 7.41
N LEU A 47 -12.01 -2.85 6.63
CA LEU A 47 -10.94 -3.72 7.09
C LEU A 47 -9.60 -3.05 6.86
N SER A 48 -8.84 -2.88 7.95
CA SER A 48 -7.52 -2.26 7.85
C SER A 48 -6.86 -2.29 9.22
N GLY A 49 -5.56 -2.04 9.24
CA GLY A 49 -4.88 -1.69 10.46
C GLY A 49 -5.21 -0.26 10.83
N LEU A 50 -4.75 0.13 12.02
CA LEU A 50 -5.01 1.49 12.49
C LEU A 50 -3.81 2.05 13.24
N ASP A 51 -3.37 3.24 12.84
CA ASP A 51 -2.39 3.99 13.62
C ASP A 51 -3.00 4.32 14.98
N MET A 52 -2.15 4.32 16.01
CA MET A 52 -2.57 4.64 17.37
C MET A 52 -1.69 5.73 17.99
N GLU A 53 -0.98 6.49 17.17
CA GLU A 53 -0.21 7.62 17.68
C GLU A 53 -1.15 8.61 18.36
N GLU A 54 -0.71 9.16 19.49
CA GLU A 54 -1.53 10.14 20.19
C GLU A 54 -1.84 11.32 19.29
N GLY A 55 -3.11 11.70 19.22
CA GLY A 55 -3.55 12.76 18.33
C GLY A 55 -3.81 12.33 16.90
N LYS A 56 -3.56 11.06 16.57
CA LYS A 56 -3.72 10.55 15.21
C LYS A 56 -4.48 9.23 15.20
N GLU A 57 -5.09 8.84 16.31
CA GLU A 57 -5.73 7.53 16.38
C GLU A 57 -6.78 7.39 15.30
N GLY A 58 -6.86 6.19 14.69
CA GLY A 58 -7.83 5.91 13.66
C GLY A 58 -7.36 6.11 12.24
N GLY A 59 -6.16 6.65 12.04
CA GLY A 59 -5.61 6.76 10.71
C GLY A 59 -5.17 5.41 10.18
N THR A 60 -4.92 5.35 8.88
CA THR A 60 -4.47 4.11 8.29
C THR A 60 -3.76 4.38 6.97
N TRP A 61 -2.97 3.40 6.53
CA TRP A 61 -2.18 3.45 5.32
C TRP A 61 -2.73 2.56 4.22
N LEU A 62 -3.68 1.67 4.54
CA LEU A 62 -4.18 0.67 3.60
C LEU A 62 -5.44 0.04 4.15
N GLY A 63 -6.50 0.01 3.36
CA GLY A 63 -7.75 -0.54 3.82
C GLY A 63 -8.68 -0.86 2.67
N ILE A 64 -9.66 -1.72 2.97
CA ILE A 64 -10.68 -2.12 2.01
C ILE A 64 -11.99 -2.26 2.74
N SER A 65 -13.08 -1.79 2.12
CA SER A 65 -14.42 -1.95 2.67
C SER A 65 -15.20 -2.97 1.83
N THR A 66 -16.15 -3.65 2.50
CA THR A 66 -17.01 -4.60 1.79
C THR A 66 -17.97 -3.91 0.82
N ARG A 67 -18.19 -2.61 1.00
CA ARG A 67 -18.94 -1.82 0.03
C ARG A 67 -18.19 -1.66 -1.28
N GLY A 68 -16.98 -2.19 -1.41
CA GLY A 68 -16.23 -2.09 -2.64
C GLY A 68 -15.38 -0.84 -2.75
N LYS A 69 -14.57 -0.57 -1.73
CA LYS A 69 -13.67 0.58 -1.73
C LYS A 69 -12.30 0.14 -1.23
N LEU A 70 -11.25 0.70 -1.84
CA LEU A 70 -9.88 0.40 -1.42
C LEU A 70 -9.02 1.64 -1.63
N ALA A 71 -8.10 1.88 -0.70
CA ALA A 71 -7.17 2.97 -0.85
C ALA A 71 -5.89 2.64 -0.11
N ALA A 72 -4.80 3.28 -0.54
CA ALA A 72 -3.49 3.09 0.06
C ALA A 72 -2.70 4.40 -0.07
N LEU A 73 -1.78 4.59 0.87
CA LEU A 73 -0.98 5.81 0.89
C LEU A 73 0.48 5.45 1.16
N THR A 74 1.37 6.24 0.57
CA THR A 74 2.80 6.18 0.85
C THR A 74 3.31 7.58 1.11
N ASN A 75 4.33 7.68 1.97
CA ASN A 75 4.93 8.96 2.25
C ASN A 75 5.97 9.31 1.18
N TYR A 76 6.08 10.60 0.90
CA TYR A 76 7.13 11.10 0.01
C TYR A 76 8.37 11.33 0.85
N LEU A 77 9.45 10.62 0.52
CA LEU A 77 10.72 10.80 1.20
C LEU A 77 11.16 12.26 1.09
N GLN A 78 11.25 12.94 2.22
CA GLN A 78 11.68 14.34 2.27
C GLN A 78 12.84 14.49 3.23
N PRO A 79 13.82 15.35 2.91
CA PRO A 79 14.88 15.63 3.88
C PRO A 79 14.37 16.27 5.16
N GLN A 80 13.20 16.91 5.13
CA GLN A 80 12.71 17.69 6.25
C GLN A 80 11.20 17.53 6.32
N LEU A 81 10.65 17.74 7.51
CA LEU A 81 9.22 17.56 7.75
C LEU A 81 8.62 18.82 8.36
N ASP A 82 7.46 19.21 7.84
CA ASP A 82 6.65 20.25 8.46
C ASP A 82 5.79 19.60 9.53
N TRP A 83 6.05 19.92 10.79
CA TRP A 83 5.39 19.27 11.91
C TRP A 83 4.04 19.88 12.26
N GLN A 84 3.64 20.96 11.58
CA GLN A 84 2.35 21.61 11.85
C GLN A 84 1.26 21.18 10.86
N ALA A 85 1.57 20.32 9.90
CA ALA A 85 0.62 19.97 8.86
C ALA A 85 -0.31 18.85 9.30
N ARG A 86 -1.39 18.67 8.54
CA ARG A 86 -2.35 17.62 8.84
C ARG A 86 -1.70 16.25 8.73
N GLY A 87 -2.17 15.31 9.56
CA GLY A 87 -1.75 13.94 9.42
C GLY A 87 -2.23 13.35 8.11
N ARG A 88 -1.38 12.49 7.53
CA ARG A 88 -1.73 11.82 6.28
C ARG A 88 -2.59 10.57 6.50
N GLY A 89 -2.70 10.10 7.75
CA GLY A 89 -3.48 8.91 8.03
C GLY A 89 -4.95 9.06 7.70
N GLU A 90 -5.47 10.29 7.68
CA GLU A 90 -6.89 10.52 7.42
C GLU A 90 -7.24 10.41 5.95
N LEU A 91 -6.25 10.48 5.05
CA LEU A 91 -6.57 10.46 3.62
C LEU A 91 -7.21 9.15 3.21
N VAL A 92 -6.65 8.03 3.68
CA VAL A 92 -7.25 6.72 3.37
C VAL A 92 -8.55 6.53 4.15
N THR A 93 -8.56 6.88 5.43
CA THR A 93 -9.74 6.62 6.26
C THR A 93 -10.97 7.34 5.73
N HIS A 94 -10.84 8.62 5.41
CA HIS A 94 -11.99 9.40 4.98
C HIS A 94 -12.56 8.89 3.66
N PHE A 95 -11.75 8.22 2.84
CA PHE A 95 -12.30 7.62 1.63
C PHE A 95 -13.11 6.36 1.95
N LEU A 96 -12.60 5.51 2.85
CA LEU A 96 -13.29 4.27 3.16
C LEU A 96 -14.58 4.50 3.93
N THR A 97 -14.74 5.66 4.59
CA THR A 97 -15.90 5.92 5.42
C THR A 97 -16.93 6.81 4.75
N THR A 98 -16.81 7.04 3.43
CA THR A 98 -17.80 7.84 2.71
C THR A 98 -18.32 7.08 1.50
N ASP A 99 -19.07 7.77 0.63
CA ASP A 99 -19.66 7.14 -0.55
C ASP A 99 -19.21 7.83 -1.83
N VAL A 100 -18.11 8.57 -1.80
CA VAL A 100 -17.63 9.30 -2.97
C VAL A 100 -16.88 8.34 -3.88
N ASP A 101 -17.02 8.52 -5.19
CA ASP A 101 -16.23 7.72 -6.12
C ASP A 101 -14.76 8.15 -6.07
N SER A 102 -13.87 7.23 -6.44
CA SER A 102 -12.45 7.43 -6.20
C SER A 102 -11.93 8.69 -6.90
N LEU A 103 -12.33 8.92 -8.15
CA LEU A 103 -11.83 10.09 -8.87
C LEU A 103 -12.32 11.38 -8.20
N SER A 104 -13.58 11.42 -7.80
CA SER A 104 -14.10 12.63 -7.15
C SER A 104 -13.40 12.89 -5.82
N TYR A 105 -13.10 11.83 -5.07
CA TYR A 105 -12.40 12.01 -3.80
C TYR A 105 -11.01 12.60 -4.02
N LEU A 106 -10.27 12.06 -5.00
CA LEU A 106 -8.92 12.54 -5.22
C LEU A 106 -8.90 13.98 -5.71
N LYS A 107 -9.93 14.41 -6.43
CA LYS A 107 -10.02 15.81 -6.84
C LYS A 107 -10.18 16.72 -5.64
N LYS A 108 -10.97 16.30 -4.65
CA LYS A 108 -11.05 17.07 -3.41
C LYS A 108 -9.69 17.11 -2.71
N VAL A 109 -8.99 15.97 -2.70
CA VAL A 109 -7.71 15.91 -2.00
C VAL A 109 -6.67 16.80 -2.67
N SER A 110 -6.71 16.88 -4.00
CA SER A 110 -5.72 17.70 -4.70
C SER A 110 -5.94 19.19 -4.42
N MET A 111 -7.19 19.60 -4.18
CA MET A 111 -7.44 20.98 -3.76
C MET A 111 -6.83 21.26 -2.39
N GLU A 112 -6.72 20.24 -1.54
CA GLU A 112 -6.15 20.39 -0.22
C GLU A 112 -4.77 19.74 -0.08
N GLY A 113 -4.14 19.36 -1.19
CA GLY A 113 -2.90 18.63 -1.10
C GLY A 113 -1.82 19.37 -0.36
N HIS A 114 -1.83 20.70 -0.43
CA HIS A 114 -0.76 21.51 0.16
C HIS A 114 -0.82 21.57 1.69
N LEU A 115 -1.83 20.99 2.32
CA LEU A 115 -1.93 20.99 3.77
C LEU A 115 -1.29 19.77 4.44
N TYR A 116 -0.72 18.87 3.65
CA TYR A 116 -0.08 17.67 4.17
C TYR A 116 1.39 17.67 3.78
N ASN A 117 2.18 16.87 4.49
CA ASN A 117 3.50 16.51 3.98
C ASN A 117 3.33 15.62 2.75
N GLY A 118 4.45 15.34 2.09
CA GLY A 118 4.39 14.65 0.82
C GLY A 118 3.70 13.29 0.96
N PHE A 119 2.85 12.97 -0.01
CA PHE A 119 2.13 11.71 0.02
C PHE A 119 1.70 11.34 -1.39
N ASN A 120 1.57 10.03 -1.60
CA ASN A 120 0.94 9.45 -2.77
C ASN A 120 -0.32 8.70 -2.31
N LEU A 121 -1.37 8.75 -3.12
CA LEU A 121 -2.67 8.23 -2.72
C LEU A 121 -3.30 7.45 -3.85
N ILE A 122 -3.63 6.20 -3.58
CA ILE A 122 -4.41 5.35 -4.48
C ILE A 122 -5.82 5.23 -3.92
N ALA A 123 -6.83 5.46 -4.77
CA ALA A 123 -8.22 5.27 -4.39
C ALA A 123 -8.90 4.44 -5.49
N ALA A 124 -9.67 3.44 -5.09
CA ALA A 124 -10.21 2.48 -6.04
C ALA A 124 -11.66 2.15 -5.70
N ASP A 125 -12.49 2.12 -6.75
CA ASP A 125 -13.85 1.63 -6.64
C ASP A 125 -13.89 0.20 -7.17
N LEU A 126 -14.33 -0.74 -6.34
CA LEU A 126 -14.45 -2.14 -6.71
C LEU A 126 -15.92 -2.47 -6.88
N SER A 127 -16.31 -2.86 -8.08
CA SER A 127 -17.71 -3.13 -8.41
C SER A 127 -17.75 -4.29 -9.39
N THR A 128 -18.28 -5.42 -8.93
CA THR A 128 -18.43 -6.57 -9.83
C THR A 128 -19.33 -6.21 -11.00
N ALA A 129 -20.34 -5.38 -10.77
CA ALA A 129 -21.29 -4.99 -11.81
C ALA A 129 -20.81 -3.78 -12.61
N LYS A 130 -20.45 -2.69 -11.91
CA LYS A 130 -20.18 -1.43 -12.59
C LYS A 130 -18.79 -1.38 -13.22
N GLY A 131 -17.83 -2.12 -12.68
CA GLY A 131 -16.48 -2.13 -13.23
C GLY A 131 -15.51 -1.37 -12.34
N ASP A 132 -14.33 -1.94 -12.16
CA ASP A 132 -13.35 -1.39 -11.25
C ASP A 132 -12.67 -0.14 -11.83
N VAL A 133 -12.38 0.81 -10.95
CA VAL A 133 -11.65 2.03 -11.29
C VAL A 133 -10.57 2.24 -10.24
N ILE A 134 -9.33 2.44 -10.68
CA ILE A 134 -8.23 2.78 -9.79
C ILE A 134 -7.66 4.12 -10.26
N CYS A 135 -7.57 5.08 -9.35
CA CYS A 135 -7.03 6.40 -9.62
C CYS A 135 -5.87 6.68 -8.69
N TYR A 136 -5.08 7.70 -9.06
CA TYR A 136 -3.86 8.02 -8.34
C TYR A 136 -3.66 9.53 -8.29
N TYR A 137 -3.22 10.03 -7.13
CA TYR A 137 -2.86 11.41 -6.97
C TYR A 137 -1.79 11.53 -5.90
N GLY A 138 -0.79 12.39 -6.15
CA GLY A 138 0.22 12.70 -5.17
C GLY A 138 0.53 14.19 -5.13
N ASN A 139 0.61 14.76 -3.92
CA ASN A 139 0.78 16.20 -3.76
C ASN A 139 2.20 16.67 -4.00
N ARG A 140 3.08 15.81 -4.50
CA ARG A 140 4.41 16.19 -4.94
C ARG A 140 4.61 15.97 -6.42
N GLY A 141 3.59 15.51 -7.14
CA GLY A 141 3.67 15.32 -8.58
C GLY A 141 2.69 16.22 -9.30
N GLU A 142 1.99 15.68 -10.30
CA GLU A 142 1.08 16.48 -11.09
C GLU A 142 -0.17 16.84 -10.29
N PRO A 143 -0.73 18.03 -10.52
CA PRO A 143 -1.87 18.47 -9.67
C PRO A 143 -3.14 17.67 -9.89
N ASP A 144 -3.35 17.12 -11.09
CA ASP A 144 -4.63 16.49 -11.40
C ASP A 144 -4.57 14.99 -11.19
N PRO A 145 -5.55 14.40 -10.49
CA PRO A 145 -5.61 12.94 -10.39
C PRO A 145 -5.76 12.31 -11.76
N ILE A 146 -5.31 11.04 -11.87
CA ILE A 146 -5.34 10.31 -13.12
C ILE A 146 -6.07 8.98 -12.91
N VAL A 147 -6.75 8.54 -13.95
CA VAL A 147 -7.37 7.23 -13.98
C VAL A 147 -6.38 6.26 -14.61
N LEU A 148 -6.04 5.19 -13.89
CA LEU A 148 -5.01 4.27 -14.34
C LEU A 148 -5.60 3.25 -15.30
N THR A 149 -4.84 2.94 -16.35
CA THR A 149 -5.18 1.83 -17.22
C THR A 149 -4.78 0.51 -16.57
N PRO A 150 -5.40 -0.59 -16.97
CA PRO A 150 -5.04 -1.89 -16.40
C PRO A 150 -3.56 -2.20 -16.58
N GLY A 151 -2.98 -2.86 -15.58
CA GLY A 151 -1.58 -3.24 -15.65
C GLY A 151 -1.02 -3.46 -14.25
N THR A 152 0.29 -3.70 -14.23
CA THR A 152 1.04 -3.91 -12.99
C THR A 152 1.80 -2.63 -12.64
N TYR A 153 1.57 -2.14 -11.44
CA TYR A 153 2.11 -0.87 -10.99
C TYR A 153 2.98 -1.07 -9.75
N GLY A 154 3.90 -0.14 -9.57
CA GLY A 154 4.71 -0.09 -8.37
C GLY A 154 4.76 1.33 -7.83
N LEU A 155 4.65 1.45 -6.51
CA LEU A 155 4.62 2.73 -5.82
C LEU A 155 5.45 2.63 -4.54
N SER A 156 6.28 3.64 -4.31
CA SER A 156 7.21 3.66 -3.19
C SER A 156 7.14 5.08 -2.64
N ASN A 157 8.21 5.51 -1.97
CA ASN A 157 8.26 6.84 -1.36
C ASN A 157 8.70 7.94 -2.33
N ALA A 158 8.85 7.63 -3.61
CA ALA A 158 8.85 8.60 -4.70
C ALA A 158 7.41 8.73 -5.22
N LEU A 159 7.24 9.16 -6.46
CA LEU A 159 5.92 9.13 -7.08
C LEU A 159 5.62 7.73 -7.64
N LEU A 160 4.43 7.59 -8.24
CA LEU A 160 4.05 6.34 -8.87
C LEU A 160 5.01 6.04 -10.02
N GLU A 161 5.52 4.80 -10.05
CA GLU A 161 6.39 4.30 -11.11
C GLU A 161 7.73 5.03 -11.19
N THR A 162 8.10 5.78 -10.17
CA THR A 162 9.44 6.35 -10.15
C THR A 162 10.45 5.21 -10.15
N PRO A 163 11.41 5.20 -11.08
CA PRO A 163 12.29 4.02 -11.27
C PRO A 163 13.40 3.88 -10.24
N TRP A 164 13.04 3.91 -8.95
CA TRP A 164 13.96 3.45 -7.92
C TRP A 164 14.34 2.00 -8.21
N ARG A 165 15.58 1.64 -7.94
CA ARG A 165 16.05 0.29 -8.21
C ARG A 165 15.36 -0.73 -7.33
N LYS A 166 15.03 -0.36 -6.08
CA LYS A 166 14.26 -1.26 -5.23
C LYS A 166 12.86 -1.47 -5.82
N LEU A 167 12.29 -0.44 -6.45
CA LEU A 167 10.96 -0.59 -7.02
C LEU A 167 10.99 -1.46 -8.26
N CYS A 168 11.97 -1.22 -9.14
CA CYS A 168 12.11 -2.04 -10.34
C CYS A 168 12.36 -3.50 -9.99
N PHE A 169 13.28 -3.74 -9.06
CA PHE A 169 13.67 -5.09 -8.69
C PHE A 169 12.53 -5.83 -8.01
N GLY A 170 11.84 -5.16 -7.08
CA GLY A 170 10.73 -5.79 -6.40
C GLY A 170 9.56 -6.08 -7.34
N LYS A 171 9.32 -5.18 -8.29
CA LYS A 171 8.28 -5.41 -9.28
C LYS A 171 8.60 -6.63 -10.14
N GLN A 172 9.88 -6.86 -10.43
CA GLN A 172 10.28 -8.06 -11.15
C GLN A 172 9.94 -9.31 -10.34
N LEU A 173 10.23 -9.30 -9.04
CA LEU A 173 9.88 -10.44 -8.19
C LEU A 173 8.38 -10.62 -8.09
N PHE A 174 7.63 -9.52 -8.01
CA PHE A 174 6.19 -9.59 -7.91
C PHE A 174 5.58 -10.24 -9.13
N LEU A 175 6.03 -9.84 -10.32
CA LEU A 175 5.52 -10.45 -11.55
C LEU A 175 5.91 -11.91 -11.64
N GLU A 176 7.13 -12.25 -11.23
CA GLU A 176 7.57 -13.65 -11.27
C GLU A 176 6.72 -14.52 -10.35
N ALA A 177 6.38 -14.00 -9.17
CA ALA A 177 5.55 -14.76 -8.24
C ALA A 177 4.14 -14.95 -8.79
N VAL A 178 3.58 -13.91 -9.41
CA VAL A 178 2.24 -14.01 -9.96
C VAL A 178 2.20 -15.00 -11.12
N GLU A 179 3.13 -14.86 -12.07
CA GLU A 179 3.18 -15.80 -13.19
C GLU A 179 3.49 -17.21 -12.71
N ARG A 180 4.24 -17.34 -11.62
CA ARG A 180 4.67 -18.65 -11.16
C ARG A 180 3.54 -19.43 -10.49
N SER A 181 2.64 -18.73 -9.77
CA SER A 181 1.70 -19.42 -8.91
C SER A 181 0.28 -18.88 -8.89
N GLN A 182 -0.05 -17.90 -9.73
CA GLN A 182 -1.40 -17.34 -9.67
C GLN A 182 -2.47 -18.35 -10.08
N ALA A 183 -2.12 -19.35 -10.88
CA ALA A 183 -3.05 -20.39 -11.30
C ALA A 183 -3.14 -21.54 -10.30
N LEU A 184 -2.31 -21.55 -9.26
CA LEU A 184 -2.33 -22.53 -8.19
C LEU A 184 -3.27 -22.04 -7.11
N PRO A 185 -3.48 -22.79 -6.02
CA PRO A 185 -4.41 -22.30 -4.99
C PRO A 185 -3.96 -20.97 -4.43
N LYS A 186 -4.93 -20.13 -4.08
CA LYS A 186 -4.60 -18.76 -3.70
C LYS A 186 -3.63 -18.71 -2.52
N ASP A 187 -3.56 -19.78 -1.72
CA ASP A 187 -2.67 -19.78 -0.56
C ASP A 187 -1.20 -19.77 -0.98
N VAL A 188 -0.86 -20.49 -2.05
CA VAL A 188 0.54 -20.49 -2.48
C VAL A 188 0.91 -19.16 -3.11
N LEU A 189 -0.04 -18.51 -3.79
CA LEU A 189 0.23 -17.17 -4.30
C LEU A 189 0.52 -16.20 -3.16
N ILE A 190 -0.25 -16.30 -2.07
CA ILE A 190 -0.02 -15.43 -0.92
C ILE A 190 1.35 -15.69 -0.32
N ALA A 191 1.74 -16.95 -0.19
CA ALA A 191 3.06 -17.26 0.36
C ALA A 191 4.17 -16.75 -0.55
N SER A 192 3.99 -16.85 -1.87
CA SER A 192 5.00 -16.36 -2.80
C SER A 192 5.19 -14.85 -2.66
N LEU A 193 4.09 -14.13 -2.46
CA LEU A 193 4.16 -12.68 -2.37
C LEU A 193 4.71 -12.20 -1.02
N LEU A 194 4.44 -12.94 0.05
CA LEU A 194 5.09 -12.64 1.33
C LEU A 194 6.60 -12.86 1.23
N ASP A 195 7.01 -13.88 0.48
CA ASP A 195 8.43 -14.10 0.25
C ASP A 195 9.05 -12.93 -0.50
N VAL A 196 8.34 -12.39 -1.50
CA VAL A 196 8.81 -11.21 -2.21
C VAL A 196 8.91 -10.03 -1.26
N LEU A 197 7.88 -9.83 -0.43
CA LEU A 197 7.84 -8.66 0.43
C LEU A 197 8.92 -8.69 1.51
N ASN A 198 9.50 -9.85 1.79
CA ASN A 198 10.57 -9.97 2.78
C ASN A 198 11.94 -10.11 2.14
N ASN A 199 12.06 -9.85 0.84
CA ASN A 199 13.37 -9.84 0.18
C ASN A 199 14.16 -8.63 0.66
N GLU A 200 15.35 -8.88 1.21
CA GLU A 200 16.15 -7.83 1.82
C GLU A 200 17.40 -7.47 1.00
N GLU A 201 17.44 -7.89 -0.26
CA GLU A 201 18.58 -7.59 -1.11
C GLU A 201 18.54 -6.13 -1.51
N ALA A 202 19.46 -5.33 -0.98
CA ALA A 202 19.52 -3.91 -1.32
C ALA A 202 19.94 -3.74 -2.78
N GLN A 203 19.27 -2.82 -3.48
CA GLN A 203 19.54 -2.53 -4.89
C GLN A 203 20.27 -1.20 -4.97
N LEU A 204 21.58 -1.25 -5.11
CA LEU A 204 22.45 -0.09 -5.02
C LEU A 204 23.50 -0.14 -6.11
N PRO A 205 24.07 1.02 -6.49
CA PRO A 205 23.74 2.37 -6.00
C PRO A 205 22.43 2.89 -6.60
N ASP A 206 21.75 3.81 -5.92
CA ASP A 206 20.50 4.41 -6.40
C ASP A 206 20.65 5.92 -6.31
N PRO A 207 21.11 6.57 -7.39
CA PRO A 207 21.22 8.05 -7.35
C PRO A 207 19.89 8.74 -7.09
N ALA A 208 18.77 8.15 -7.55
CA ALA A 208 17.47 8.77 -7.36
C ALA A 208 17.10 8.86 -5.88
N ILE A 209 17.38 7.81 -5.12
CA ILE A 209 17.08 7.84 -3.69
C ILE A 209 17.96 8.86 -2.99
N GLU A 210 19.26 8.88 -3.30
CA GLU A 210 20.17 9.81 -2.65
C GLU A 210 19.78 11.25 -2.91
N ASP A 211 19.38 11.56 -4.15
CA ASP A 211 19.03 12.93 -4.49
C ASP A 211 17.76 13.38 -3.77
N GLN A 212 16.75 12.53 -3.74
CA GLN A 212 15.47 12.95 -3.16
C GLN A 212 15.53 13.01 -1.63
N GLY A 213 16.14 11.99 -1.00
CA GLY A 213 16.22 11.97 0.44
C GLY A 213 17.29 12.87 1.03
N GLY A 214 18.30 13.23 0.22
CA GLY A 214 19.32 14.15 0.70
C GLY A 214 20.06 13.59 1.90
N GLU A 215 20.26 14.44 2.90
CA GLU A 215 21.06 14.07 4.06
C GLU A 215 20.35 13.06 4.94
N TYR A 216 19.01 13.11 4.99
CA TYR A 216 18.26 12.27 5.91
C TYR A 216 18.41 10.79 5.58
N VAL A 217 18.48 10.45 4.29
CA VAL A 217 18.54 9.05 3.87
C VAL A 217 19.96 8.51 3.83
N GLN A 218 20.98 9.36 3.96
CA GLN A 218 22.36 8.87 3.85
C GLN A 218 22.67 7.76 4.84
N PRO A 219 22.40 7.91 6.15
CA PRO A 219 22.68 6.80 7.08
C PRO A 219 21.73 5.61 6.96
N MET A 220 20.61 5.75 6.24
CA MET A 220 19.70 4.63 6.02
C MET A 220 19.97 3.89 4.72
N LEU A 221 20.84 4.43 3.85
CA LEU A 221 20.83 4.03 2.44
C LEU A 221 21.09 2.55 2.27
N SER A 222 22.07 1.99 2.99
CA SER A 222 22.46 0.60 2.76
C SER A 222 21.26 -0.34 2.89
N LYS A 223 20.32 -0.01 3.77
CA LYS A 223 19.16 -0.86 4.02
C LYS A 223 17.88 -0.33 3.39
N TYR A 224 17.83 0.97 3.09
CA TYR A 224 16.59 1.59 2.61
C TYR A 224 16.26 1.14 1.20
N ALA A 225 17.27 0.75 0.42
CA ALA A 225 17.11 0.43 -0.99
C ALA A 225 16.70 -1.02 -1.25
N ALA A 226 16.13 -1.69 -0.25
CA ALA A 226 15.59 -3.02 -0.41
C ALA A 226 14.07 -2.99 -0.30
N VAL A 227 13.42 -4.01 -0.87
CA VAL A 227 11.98 -4.16 -0.70
C VAL A 227 11.64 -4.21 0.77
N CYS A 228 12.36 -5.03 1.52
CA CYS A 228 12.17 -5.17 2.96
C CYS A 228 13.28 -4.40 3.66
N VAL A 229 12.90 -3.36 4.40
CA VAL A 229 13.84 -2.41 4.98
C VAL A 229 14.10 -2.82 6.43
N ARG A 230 15.38 -3.00 6.77
CA ARG A 230 15.79 -3.35 8.13
C ARG A 230 16.83 -2.33 8.58
N CYS A 231 16.35 -1.21 9.09
CA CYS A 231 17.18 -0.15 9.65
C CYS A 231 17.12 -0.20 11.17
N PRO A 232 17.98 0.58 11.85
CA PRO A 232 17.86 0.65 13.32
C PRO A 232 16.60 1.38 13.75
N GLY A 233 15.65 0.64 14.32
CA GLY A 233 14.43 1.23 14.83
C GLY A 233 13.43 1.67 13.78
N TYR A 234 13.65 1.31 12.51
CA TYR A 234 12.78 1.71 11.42
C TYR A 234 12.83 0.61 10.35
N GLY A 235 11.69 0.31 9.75
CA GLY A 235 11.67 -0.63 8.66
C GLY A 235 10.31 -1.31 8.49
N THR A 236 10.33 -2.37 7.68
CA THR A 236 9.10 -3.06 7.30
C THR A 236 8.49 -3.74 8.52
N ARG A 237 7.32 -3.24 8.94
CA ARG A 237 6.59 -3.82 10.06
C ARG A 237 5.38 -4.62 9.62
N THR A 238 4.80 -4.32 8.46
CA THR A 238 3.57 -4.95 8.01
C THR A 238 3.68 -5.36 6.55
N ASN A 239 3.39 -6.63 6.28
CA ASN A 239 3.22 -7.14 4.93
C ASN A 239 1.73 -7.39 4.71
N THR A 240 1.16 -6.82 3.65
CA THR A 240 -0.27 -6.93 3.40
C THR A 240 -0.52 -7.38 1.98
N ILE A 241 -1.28 -8.46 1.83
CA ILE A 241 -1.67 -9.02 0.53
C ILE A 241 -3.18 -8.88 0.40
N ILE A 242 -3.63 -8.30 -0.69
CA ILE A 242 -5.06 -8.21 -0.97
C ILE A 242 -5.31 -8.81 -2.34
N LEU A 243 -6.25 -9.76 -2.39
CA LEU A 243 -6.67 -10.41 -3.62
C LEU A 243 -8.16 -10.18 -3.80
N VAL A 244 -8.56 -9.93 -5.04
CA VAL A 244 -9.97 -9.85 -5.44
C VAL A 244 -10.09 -10.67 -6.72
N ASP A 245 -10.80 -11.80 -6.67
CA ASP A 245 -10.95 -12.61 -7.86
C ASP A 245 -12.13 -12.09 -8.70
N ALA A 246 -12.40 -12.75 -9.81
CA ALA A 246 -13.39 -12.25 -10.75
C ALA A 246 -14.77 -12.12 -10.11
N ASP A 247 -15.13 -13.07 -9.25
CA ASP A 247 -16.46 -13.09 -8.65
C ASP A 247 -16.59 -12.21 -7.41
N GLY A 248 -15.50 -11.64 -6.91
CA GLY A 248 -15.57 -10.72 -5.79
C GLY A 248 -15.15 -11.26 -4.45
N HIS A 249 -14.56 -12.46 -4.41
CA HIS A 249 -14.04 -12.99 -3.15
C HIS A 249 -12.75 -12.26 -2.80
N VAL A 250 -12.71 -11.66 -1.62
CA VAL A 250 -11.56 -10.90 -1.14
C VAL A 250 -10.74 -11.77 -0.19
N THR A 251 -9.42 -11.65 -0.28
CA THR A 251 -8.50 -12.27 0.67
C THR A 251 -7.54 -11.20 1.14
N PHE A 252 -7.54 -10.95 2.45
CA PHE A 252 -6.77 -9.86 3.07
C PHE A 252 -5.83 -10.48 4.10
N THR A 253 -4.53 -10.50 3.80
CA THR A 253 -3.52 -11.05 4.69
C THR A 253 -2.65 -9.93 5.22
N GLU A 254 -2.26 -10.02 6.49
CA GLU A 254 -1.42 -9.00 7.12
C GLU A 254 -0.50 -9.66 8.13
N ARG A 255 0.79 -9.71 7.82
CA ARG A 255 1.82 -10.19 8.74
C ARG A 255 2.46 -8.99 9.43
N SER A 256 2.53 -9.04 10.76
CA SER A 256 2.96 -7.90 11.56
C SER A 256 4.05 -8.30 12.53
N MET A 257 5.07 -7.45 12.65
CA MET A 257 6.09 -7.59 13.67
C MET A 257 5.51 -7.26 15.04
N MET A 258 5.81 -8.09 16.04
CA MET A 258 5.16 -7.98 17.34
C MET A 258 6.12 -7.65 18.47
N ASP A 259 7.20 -8.42 18.64
CA ASP A 259 8.12 -8.22 19.75
C ASP A 259 9.22 -7.21 19.43
N LYS A 260 9.34 -6.78 18.18
CA LYS A 260 10.42 -5.91 17.71
C LYS A 260 11.79 -6.57 17.83
N ASP A 261 11.82 -7.89 18.07
CA ASP A 261 13.04 -8.68 17.99
C ASP A 261 13.15 -9.42 16.67
N LEU A 262 12.19 -9.25 15.76
CA LEU A 262 12.19 -9.82 14.42
C LEU A 262 12.06 -11.34 14.43
N SER A 263 11.68 -11.93 15.56
CA SER A 263 11.39 -13.35 15.65
C SER A 263 9.95 -13.65 16.03
N HIS A 264 9.19 -12.63 16.45
CA HIS A 264 7.79 -12.79 16.82
C HIS A 264 6.93 -12.07 15.78
N TRP A 265 6.12 -12.83 15.06
CA TRP A 265 5.24 -12.30 14.02
C TRP A 265 3.84 -12.88 14.19
N GLU A 266 2.84 -12.08 13.85
CA GLU A 266 1.44 -12.50 13.87
C GLU A 266 0.82 -12.16 12.52
N THR A 267 0.13 -13.13 11.93
CA THR A 267 -0.47 -12.97 10.61
C THR A 267 -1.96 -13.21 10.69
N ARG A 268 -2.74 -12.28 10.12
CA ARG A 268 -4.20 -12.39 10.09
C ARG A 268 -4.67 -12.38 8.65
N THR A 269 -5.51 -13.35 8.29
CA THR A 269 -6.09 -13.44 6.96
C THR A 269 -7.61 -13.43 7.10
N TYR A 270 -8.26 -12.62 6.27
CA TYR A 270 -9.72 -12.55 6.24
C TYR A 270 -10.19 -12.86 4.82
N GLU A 271 -11.05 -13.86 4.69
CA GLU A 271 -11.66 -14.24 3.42
C GLU A 271 -13.15 -13.92 3.52
N PHE A 272 -13.63 -13.09 2.59
CA PHE A 272 -15.03 -12.68 2.58
C PHE A 272 -15.40 -12.32 1.14
N THR A 273 -16.54 -11.64 0.97
CA THR A 273 -17.06 -11.33 -0.35
C THR A 273 -17.62 -9.91 -0.37
N LEU A 274 -17.50 -9.27 -1.53
CA LEU A 274 -18.03 -7.92 -1.70
C LEU A 274 -19.55 -7.96 -1.82
N GLN A 275 -20.16 -6.80 -1.62
CA GLN A 275 -21.61 -6.68 -1.68
C GLN A 275 -22.06 -6.11 -3.02
P PO4 B . 1.74 11.57 9.70
O1 PO4 B . 2.07 12.36 11.00
O2 PO4 B . 1.49 12.59 8.52
O3 PO4 B . 2.92 10.61 9.35
O4 PO4 B . 0.44 10.72 9.92
CL CL C . -2.75 -11.40 21.61
#